data_4LN9
#
_entry.id   4LN9
#
_cell.length_a   77.180
_cell.length_b   77.180
_cell.length_c   97.920
_cell.angle_alpha   90.00
_cell.angle_beta   90.00
_cell.angle_gamma   120.00
#
_symmetry.space_group_name_H-M   'P 32'
#
loop_
_entity.id
_entity.type
_entity.pdbx_description
1 polymer 'Rifamycin polyketide synthase'
2 water water
#
_entity_poly.entity_id   1
_entity_poly.type   'polypeptide(L)'
_entity_poly.pdbx_seq_one_letter_code
;MGSSHHHHHHSSGLVPRGSHMADTASDAVSLGLAGADHPLLGAVVQLPQSDGLVFTSRLSLRSHPWLADHAVRDVVIVPG
TGLVELAVRAGDEAGCPVLDELVIEAPLVVPRRGGVRVQVALGGPADDGSRTVDVFSLREDADSWLRHATGVLVPENRPR
GTAAFDFAAWPPPEAKPVDLTGAYDVLADVGYGYGPTFRAVRAVWRRGSGNTTETFAEIALPEDARAEAGRFGIHPALLD
AALHSTMVSAAADTESYGDEVRLPFAWNGLRLHAAGASVLRVRVAKPERDSLSLEAVDESGGLVVTLDSLVGRPVSNDQL
TTAAG
;
_entity_poly.pdbx_strand_id   A,B
#
# COMPACT_ATOMS: atom_id res chain seq x y z
N ASP A 27 13.86 3.61 -2.08
CA ASP A 27 13.16 4.39 -3.14
C ASP A 27 11.73 3.89 -3.34
N ALA A 28 10.77 4.64 -2.81
CA ALA A 28 9.37 4.30 -2.97
C ALA A 28 8.98 4.10 -4.43
N VAL A 29 9.46 4.98 -5.31
CA VAL A 29 8.99 5.01 -6.70
C VAL A 29 9.39 3.77 -7.51
N SER A 30 10.58 3.22 -7.24
CA SER A 30 11.06 2.04 -7.96
C SER A 30 10.31 0.78 -7.53
N LEU A 31 9.64 0.88 -6.39
CA LEU A 31 8.84 -0.22 -5.87
C LEU A 31 7.38 -0.11 -6.29
N GLY A 32 7.04 0.99 -6.98
CA GLY A 32 5.67 1.21 -7.43
C GLY A 32 4.79 1.92 -6.42
N LEU A 33 5.40 2.72 -5.56
CA LEU A 33 4.63 3.62 -4.69
C LEU A 33 5.09 5.05 -4.90
N ALA A 34 4.49 5.98 -4.15
CA ALA A 34 4.97 7.36 -4.14
C ALA A 34 5.65 7.61 -2.80
N GLY A 35 6.58 8.54 -2.75
CA GLY A 35 7.14 8.98 -1.46
C GLY A 35 6.16 9.84 -0.69
N ALA A 36 6.11 9.66 0.63
CA ALA A 36 5.17 10.42 1.46
C ALA A 36 5.68 11.84 1.72
N ASP A 37 6.97 12.06 1.47
CA ASP A 37 7.64 13.31 1.84
C ASP A 37 7.26 13.81 3.22
N HIS A 38 7.57 13.01 4.24
CA HIS A 38 7.07 13.27 5.59
C HIS A 38 7.97 12.57 6.59
N PRO A 39 8.24 13.20 7.74
CA PRO A 39 9.30 12.66 8.60
C PRO A 39 8.91 11.36 9.33
N LEU A 40 7.63 11.02 9.35
CA LEU A 40 7.18 9.82 10.05
C LEU A 40 6.64 8.74 9.13
N LEU A 41 6.52 9.06 7.84
CA LEU A 41 5.84 8.19 6.90
C LEU A 41 6.75 7.94 5.71
N GLY A 42 6.74 6.72 5.20
CA GLY A 42 7.67 6.33 4.13
C GLY A 42 7.03 6.43 2.76
N ALA A 43 5.92 5.73 2.57
CA ALA A 43 5.33 5.65 1.24
C ALA A 43 3.82 5.82 1.33
N VAL A 44 3.23 6.31 0.24
CA VAL A 44 1.78 6.29 0.10
C VAL A 44 1.44 5.56 -1.18
N VAL A 45 0.39 4.73 -1.16
CA VAL A 45 -0.12 4.21 -2.40
C VAL A 45 -1.64 4.25 -2.45
N GLN A 46 -2.18 4.68 -3.58
CA GLN A 46 -3.62 4.67 -3.75
C GLN A 46 -4.13 3.24 -3.87
N LEU A 47 -5.38 3.04 -3.47
CA LEU A 47 -6.02 1.73 -3.56
C LEU A 47 -7.24 1.81 -4.48
N PRO A 48 -7.00 1.75 -5.80
CA PRO A 48 -8.02 1.98 -6.83
C PRO A 48 -9.23 1.07 -6.61
N GLN A 49 -9.01 -0.06 -5.95
CA GLN A 49 -10.08 -1.04 -5.75
C GLN A 49 -11.17 -0.47 -4.86
N SER A 50 -10.77 0.35 -3.89
CA SER A 50 -11.70 0.87 -2.90
C SER A 50 -11.79 2.40 -2.92
N ASP A 51 -11.04 3.03 -3.82
CA ASP A 51 -10.86 4.48 -3.81
C ASP A 51 -10.33 4.96 -2.46
N GLY A 52 -9.57 4.10 -1.80
CA GLY A 52 -8.90 4.47 -0.56
C GLY A 52 -7.44 4.77 -0.82
N LEU A 53 -6.66 4.82 0.25
CA LEU A 53 -5.22 4.84 0.10
C LEU A 53 -4.58 4.44 1.40
N VAL A 54 -3.29 4.15 1.34
CA VAL A 54 -2.59 3.66 2.50
C VAL A 54 -1.19 4.25 2.57
N PHE A 55 -0.86 4.74 3.77
CA PHE A 55 0.48 5.20 4.07
C PHE A 55 1.22 4.12 4.85
N THR A 56 2.49 3.93 4.52
CA THR A 56 3.33 2.98 5.22
C THR A 56 4.57 3.64 5.82
N SER A 57 5.03 3.07 6.93
CA SER A 57 6.18 3.61 7.66
C SER A 57 6.86 2.51 8.48
N ARG A 58 8.15 2.70 8.74
CA ARG A 58 8.85 1.93 9.76
C ARG A 58 9.49 2.87 10.77
N LEU A 59 9.07 2.81 12.03
CA LEU A 59 9.64 3.65 13.07
C LEU A 59 10.64 2.88 13.93
N SER A 60 11.77 3.50 14.22
CA SER A 60 12.68 2.96 15.24
C SER A 60 13.27 4.11 16.05
N LEU A 61 13.86 3.79 17.19
CA LEU A 61 14.57 4.79 17.97
C LEU A 61 15.87 5.23 17.32
N ARG A 62 16.39 4.40 16.41
CA ARG A 62 17.60 4.76 15.68
C ARG A 62 17.34 5.62 14.45
N SER A 63 16.13 5.51 13.89
CA SER A 63 15.78 6.28 12.71
C SER A 63 14.99 7.53 13.10
N HIS A 64 14.36 7.47 14.27
CA HIS A 64 13.58 8.58 14.78
C HIS A 64 13.90 8.84 16.23
N PRO A 65 15.13 9.27 16.51
CA PRO A 65 15.68 9.34 17.87
C PRO A 65 14.83 10.22 18.78
N TRP A 66 14.17 11.21 18.19
CA TRP A 66 13.43 12.19 18.96
C TRP A 66 12.17 11.64 19.57
N LEU A 67 11.76 10.45 19.10
CA LEU A 67 10.63 9.75 19.71
C LEU A 67 10.94 9.32 21.14
N ALA A 68 12.22 9.12 21.44
CA ALA A 68 12.64 8.79 22.79
C ALA A 68 12.28 9.90 23.78
N ASP A 69 12.02 11.09 23.25
CA ASP A 69 11.69 12.24 24.09
C ASP A 69 10.25 12.27 24.57
N HIS A 70 9.46 11.29 24.15
CA HIS A 70 8.12 11.09 24.70
C HIS A 70 7.95 9.68 25.19
N ALA A 71 8.07 9.50 26.51
CA ALA A 71 8.01 8.18 27.10
C ALA A 71 7.19 8.24 28.38
N VAL A 72 6.28 7.28 28.54
CA VAL A 72 5.44 7.23 29.73
C VAL A 72 5.78 6.02 30.61
N ARG A 73 6.28 6.28 31.82
CA ARG A 73 6.95 5.26 32.62
C ARG A 73 8.07 4.57 31.85
N ASP A 74 8.96 5.37 31.28
CA ASP A 74 10.16 4.89 30.60
C ASP A 74 9.88 3.95 29.42
N VAL A 75 8.64 3.94 28.95
CA VAL A 75 8.31 3.28 27.68
C VAL A 75 8.07 4.32 26.59
N VAL A 76 8.88 4.29 25.53
CA VAL A 76 8.64 5.16 24.38
C VAL A 76 7.32 4.81 23.70
N ILE A 77 6.39 5.77 23.69
CA ILE A 77 5.13 5.62 22.97
C ILE A 77 4.87 6.85 22.09
N VAL A 78 4.43 6.62 20.85
CA VAL A 78 4.12 7.74 19.96
C VAL A 78 2.99 8.57 20.57
N PRO A 79 3.23 9.88 20.75
CA PRO A 79 2.20 10.70 21.38
C PRO A 79 0.89 10.63 20.61
N GLY A 80 -0.22 10.77 21.30
CA GLY A 80 -1.51 11.03 20.67
C GLY A 80 -1.42 12.03 19.52
N THR A 81 -0.63 13.07 19.71
CA THR A 81 -0.51 14.14 18.71
C THR A 81 0.22 13.67 17.45
N GLY A 82 1.09 12.67 17.59
CA GLY A 82 1.74 12.08 16.43
C GLY A 82 0.75 11.33 15.58
N LEU A 83 -0.19 10.65 16.24
CA LEU A 83 -1.27 9.96 15.54
C LEU A 83 -2.20 10.93 14.85
N VAL A 84 -2.50 12.03 15.51
CA VAL A 84 -3.28 13.13 14.92
C VAL A 84 -2.62 13.66 13.65
N GLU A 85 -1.30 13.87 13.71
CA GLU A 85 -0.56 14.38 12.56
C GLU A 85 -0.60 13.40 11.40
N LEU A 86 -0.43 12.12 11.70
CA LEU A 86 -0.52 11.07 10.68
C LEU A 86 -1.89 11.09 10.02
N ALA A 87 -2.94 11.18 10.84
CA ALA A 87 -4.31 11.14 10.35
C ALA A 87 -4.57 12.33 9.44
N VAL A 88 -4.14 13.51 9.86
CA VAL A 88 -4.40 14.70 9.08
C VAL A 88 -3.56 14.77 7.80
N ARG A 89 -2.36 14.19 7.85
CA ARG A 89 -1.55 14.08 6.63
C ARG A 89 -2.21 13.17 5.60
N ALA A 90 -2.77 12.06 6.07
CA ALA A 90 -3.46 11.13 5.18
C ALA A 90 -4.70 11.79 4.58
N GLY A 91 -5.53 12.37 5.43
CA GLY A 91 -6.70 13.10 5.00
C GLY A 91 -6.40 14.15 3.95
N ASP A 92 -5.30 14.89 4.17
CA ASP A 92 -4.92 15.94 3.22
C ASP A 92 -4.54 15.41 1.85
N GLU A 93 -3.95 14.22 1.82
CA GLU A 93 -3.66 13.53 0.55
C GLU A 93 -4.91 13.39 -0.30
N ALA A 94 -6.05 13.18 0.34
CA ALA A 94 -7.30 12.88 -0.35
C ALA A 94 -8.27 14.04 -0.31
N GLY A 95 -7.79 15.22 0.06
CA GLY A 95 -8.64 16.41 0.13
C GLY A 95 -9.69 16.33 1.22
N CYS A 96 -9.35 15.62 2.29
CA CYS A 96 -10.17 15.58 3.50
C CYS A 96 -9.35 15.97 4.72
N PRO A 97 -9.01 17.26 4.83
CA PRO A 97 -8.03 17.68 5.83
C PRO A 97 -8.59 17.80 7.26
N VAL A 98 -9.91 17.78 7.41
CA VAL A 98 -10.51 18.03 8.72
C VAL A 98 -10.68 16.74 9.53
N LEU A 99 -10.11 16.73 10.73
CA LEU A 99 -10.24 15.59 11.63
C LEU A 99 -11.52 15.68 12.46
N ASP A 100 -12.60 15.13 11.91
CA ASP A 100 -13.92 15.17 12.53
C ASP A 100 -13.86 14.47 13.89
N GLU A 101 -13.22 13.30 13.91
CA GLU A 101 -13.12 12.50 15.12
C GLU A 101 -11.93 11.54 15.03
N LEU A 102 -11.22 11.40 16.15
CA LEU A 102 -10.20 10.35 16.27
C LEU A 102 -10.20 9.77 17.68
N VAL A 103 -10.41 8.47 17.78
CA VAL A 103 -10.36 7.80 19.07
C VAL A 103 -9.06 7.00 19.22
N ILE A 104 -8.33 7.27 20.30
CA ILE A 104 -7.09 6.54 20.55
C ILE A 104 -7.37 5.27 21.34
N GLU A 105 -6.98 4.13 20.77
CA GLU A 105 -7.39 2.84 21.29
C GLU A 105 -6.33 2.25 22.21
N ALA A 106 -5.09 2.32 21.75
CA ALA A 106 -3.99 1.56 22.34
C ALA A 106 -2.67 2.22 21.98
N PRO A 107 -1.76 2.34 22.95
CA PRO A 107 -0.48 3.03 22.74
C PRO A 107 0.35 2.42 21.61
N LEU A 108 0.88 3.28 20.74
CA LEU A 108 1.82 2.85 19.71
C LEU A 108 3.24 2.82 20.28
N VAL A 109 3.59 1.71 20.91
CA VAL A 109 4.88 1.57 21.56
C VAL A 109 5.99 1.49 20.53
N VAL A 110 7.03 2.31 20.69
CA VAL A 110 8.25 2.16 19.91
C VAL A 110 9.26 1.34 20.70
N PRO A 111 9.73 0.23 20.11
CA PRO A 111 10.64 -0.69 20.77
C PRO A 111 12.04 -0.11 20.95
N ARG A 112 12.64 -0.32 22.12
CA ARG A 112 13.95 0.27 22.42
C ARG A 112 15.06 -0.26 21.52
N ARG A 113 14.86 -1.45 20.94
CA ARG A 113 15.61 -1.84 19.76
C ARG A 113 14.76 -2.50 18.67
N GLY A 114 15.16 -2.32 17.42
CA GLY A 114 14.40 -2.82 16.29
C GLY A 114 13.47 -1.76 15.72
N GLY A 115 12.52 -2.21 14.90
CA GLY A 115 11.55 -1.31 14.30
C GLY A 115 10.12 -1.75 14.55
N VAL A 116 9.18 -0.84 14.33
CA VAL A 116 7.77 -1.22 14.25
C VAL A 116 7.16 -0.68 12.97
N ARG A 117 6.48 -1.56 12.24
CA ARG A 117 5.86 -1.18 10.98
C ARG A 117 4.56 -0.44 11.29
N VAL A 118 4.36 0.70 10.64
CA VAL A 118 3.16 1.50 10.88
C VAL A 118 2.35 1.69 9.62
N GLN A 119 1.03 1.69 9.76
CA GLN A 119 0.17 1.88 8.61
C GLN A 119 -0.98 2.84 8.91
N VAL A 120 -1.17 3.82 8.02
CA VAL A 120 -2.35 4.66 8.10
C VAL A 120 -3.28 4.35 6.95
N ALA A 121 -4.47 3.84 7.28
CA ALA A 121 -5.41 3.41 6.26
C ALA A 121 -6.57 4.39 6.15
N LEU A 122 -6.77 4.89 4.93
CA LEU A 122 -7.83 5.84 4.64
C LEU A 122 -8.87 5.18 3.74
N GLY A 123 -10.10 5.06 4.23
CA GLY A 123 -11.16 4.40 3.49
C GLY A 123 -11.64 5.24 2.31
N GLY A 124 -12.49 4.64 1.47
CA GLY A 124 -13.08 5.37 0.36
C GLY A 124 -14.09 6.38 0.84
N PRO A 125 -14.41 7.37 0.00
CA PRO A 125 -15.32 8.45 0.40
C PRO A 125 -16.77 7.98 0.53
N ALA A 126 -17.45 8.36 1.61
CA ALA A 126 -18.91 8.26 1.68
C ALA A 126 -19.57 9.32 0.79
N ASP A 127 -20.89 9.36 0.78
CA ASP A 127 -21.61 10.28 -0.08
C ASP A 127 -21.38 11.73 0.33
N ASP A 128 -21.19 11.95 1.63
CA ASP A 128 -20.81 13.27 2.15
C ASP A 128 -19.33 13.56 1.93
N GLY A 129 -18.57 12.54 1.55
CA GLY A 129 -17.16 12.71 1.22
C GLY A 129 -16.24 12.41 2.39
N SER A 130 -16.84 12.05 3.52
CA SER A 130 -16.06 11.65 4.69
C SER A 130 -15.39 10.30 4.47
N ARG A 131 -14.19 10.14 5.04
CA ARG A 131 -13.46 8.88 4.96
C ARG A 131 -13.10 8.39 6.35
N THR A 132 -13.14 7.08 6.56
CA THR A 132 -12.59 6.49 7.77
C THR A 132 -11.06 6.55 7.72
N VAL A 133 -10.45 6.69 8.90
CA VAL A 133 -9.00 6.56 9.01
C VAL A 133 -8.67 5.65 10.19
N ASP A 134 -7.75 4.71 9.97
CA ASP A 134 -7.30 3.81 11.03
C ASP A 134 -5.78 3.80 11.05
N VAL A 135 -5.21 3.72 12.25
CA VAL A 135 -3.76 3.59 12.37
C VAL A 135 -3.37 2.25 12.99
N PHE A 136 -2.55 1.49 12.27
CA PHE A 136 -2.14 0.16 12.72
C PHE A 136 -0.63 0.10 12.92
N SER A 137 -0.20 -0.88 13.70
CA SER A 137 1.22 -1.22 13.79
C SER A 137 1.47 -2.73 13.83
N LEU A 138 2.64 -3.12 13.34
CA LEU A 138 3.08 -4.51 13.37
C LEU A 138 4.53 -4.56 13.84
N ARG A 139 4.72 -4.99 15.09
CA ARG A 139 6.05 -5.19 15.64
C ARG A 139 6.79 -6.31 14.91
N GLU A 140 8.11 -6.17 14.77
CA GLU A 140 8.93 -7.14 14.06
C GLU A 140 8.66 -8.57 14.52
N ASP A 141 8.48 -8.73 15.83
CA ASP A 141 8.23 -10.05 16.42
C ASP A 141 6.83 -10.54 16.10
N ALA A 142 5.92 -9.60 15.88
CA ALA A 142 4.48 -9.90 15.91
C ALA A 142 4.00 -10.74 14.73
N ASP A 143 2.80 -11.31 14.86
CA ASP A 143 2.16 -12.05 13.77
C ASP A 143 0.84 -11.38 13.41
N SER A 144 0.40 -10.44 14.24
CA SER A 144 -0.82 -9.68 13.97
C SER A 144 -0.68 -8.19 14.25
N TRP A 145 -1.41 -7.41 13.48
CA TRP A 145 -1.41 -5.95 13.59
C TRP A 145 -2.22 -5.51 14.78
N LEU A 146 -1.83 -4.37 15.35
CA LEU A 146 -2.54 -3.78 16.48
C LEU A 146 -3.13 -2.44 16.01
N ARG A 147 -4.42 -2.20 16.31
CA ARG A 147 -5.00 -0.91 15.97
C ARG A 147 -4.80 0.11 17.09
N HIS A 148 -4.42 1.33 16.71
CA HIS A 148 -4.07 2.34 17.69
C HIS A 148 -5.04 3.46 17.73
N ALA A 149 -5.69 3.71 16.60
CA ALA A 149 -6.63 4.80 16.51
C ALA A 149 -7.56 4.57 15.33
N THR A 150 -8.79 5.05 15.47
CA THR A 150 -9.76 4.96 14.41
C THR A 150 -10.61 6.23 14.42
N GLY A 151 -10.88 6.76 13.23
CA GLY A 151 -11.57 8.04 13.14
C GLY A 151 -12.17 8.37 11.79
N VAL A 152 -12.46 9.65 11.59
CA VAL A 152 -13.17 10.13 10.41
C VAL A 152 -12.57 11.46 9.96
N LEU A 153 -12.16 11.53 8.70
CA LEU A 153 -11.75 12.79 8.09
C LEU A 153 -12.81 13.29 7.12
N VAL A 154 -13.01 14.60 7.10
CA VAL A 154 -14.06 15.21 6.26
C VAL A 154 -13.47 16.35 5.45
N PRO A 155 -14.11 16.69 4.32
CA PRO A 155 -13.62 17.81 3.53
C PRO A 155 -13.86 19.12 4.27
N GLU A 156 -13.06 20.14 3.94
CA GLU A 156 -13.29 21.47 4.49
C GLU A 156 -14.34 22.19 3.66
N ASN A 157 -15.58 22.19 4.13
CA ASN A 157 -16.67 22.86 3.41
C ASN A 157 -16.46 24.37 3.36
N ARG A 158 -15.92 24.90 4.44
CA ARG A 158 -15.85 26.34 4.66
C ARG A 158 -14.68 26.61 5.58
N PRO A 159 -13.64 27.28 5.06
CA PRO A 159 -12.45 27.57 5.86
C PRO A 159 -12.76 28.47 7.06
N ARG A 160 -11.90 28.44 8.07
CA ARG A 160 -11.82 29.52 9.05
C ARG A 160 -11.06 30.68 8.43
N GLY A 161 -11.16 31.87 9.01
CA GLY A 161 -10.36 32.98 8.53
C GLY A 161 -9.24 33.32 9.49
N THR A 162 -9.62 33.94 10.59
CA THR A 162 -8.68 34.40 11.57
C THR A 162 -9.06 33.81 12.93
N ALA A 163 -8.10 33.77 13.85
CA ALA A 163 -8.35 33.30 15.21
C ALA A 163 -9.52 34.05 15.84
N ALA A 164 -10.28 33.36 16.69
CA ALA A 164 -11.41 34.02 17.36
C ALA A 164 -10.93 34.86 18.54
N PHE A 165 -10.01 34.29 19.31
CA PHE A 165 -9.46 34.96 20.49
C PHE A 165 -8.49 36.07 20.09
N ASP A 166 -8.44 37.13 20.89
CA ASP A 166 -7.55 38.26 20.62
C ASP A 166 -6.12 37.97 21.08
N PHE A 167 -5.34 37.35 20.21
CA PHE A 167 -3.98 36.96 20.55
C PHE A 167 -3.03 38.15 20.46
N ALA A 168 -3.51 39.27 19.91
CA ALA A 168 -2.72 40.48 19.78
C ALA A 168 -2.49 41.19 21.12
N ALA A 169 -3.43 41.04 22.05
CA ALA A 169 -3.28 41.61 23.38
C ALA A 169 -2.63 40.59 24.31
N TRP A 170 -1.30 40.62 24.39
CA TRP A 170 -0.56 39.44 24.84
C TRP A 170 0.60 39.82 25.71
N PRO A 171 0.78 39.11 26.85
CA PRO A 171 -0.13 38.13 27.45
C PRO A 171 -1.49 38.75 27.74
N PRO A 172 -2.52 37.92 27.91
CA PRO A 172 -3.86 38.49 28.07
C PRO A 172 -4.02 39.25 29.39
N PRO A 173 -4.69 40.41 29.34
CA PRO A 173 -5.11 41.18 30.51
C PRO A 173 -5.65 40.32 31.65
N GLU A 174 -5.08 40.51 32.83
CA GLU A 174 -5.52 39.83 34.06
C GLU A 174 -5.15 38.35 34.11
N ALA A 175 -4.38 37.87 33.15
CA ALA A 175 -3.81 36.54 33.24
C ALA A 175 -2.54 36.57 34.08
N LYS A 176 -2.48 35.73 35.11
CA LYS A 176 -1.35 35.72 36.02
C LYS A 176 -0.31 34.72 35.55
N PRO A 177 0.96 35.15 35.49
CA PRO A 177 2.04 34.29 35.01
C PRO A 177 2.36 33.19 36.03
N VAL A 178 2.62 32.00 35.53
CA VAL A 178 2.94 30.86 36.38
C VAL A 178 4.45 30.61 36.34
N ASP A 179 5.06 30.49 37.52
CA ASP A 179 6.49 30.15 37.61
C ASP A 179 6.69 28.69 37.22
N LEU A 180 7.47 28.45 36.18
CA LEU A 180 7.57 27.12 35.62
C LEU A 180 8.65 26.27 36.25
N THR A 181 9.52 26.98 36.97
CA THR A 181 10.64 26.38 37.70
C THR A 181 10.23 25.09 38.37
N GLY A 182 10.90 24.02 37.96
CA GLY A 182 10.68 22.71 38.50
C GLY A 182 9.55 21.87 37.92
N ALA A 183 8.69 22.49 37.13
CA ALA A 183 7.44 21.86 36.68
C ALA A 183 7.66 20.58 35.87
N TYR A 184 8.58 20.62 34.91
CA TYR A 184 8.83 19.47 34.04
C TYR A 184 9.47 18.31 34.82
N ASP A 185 10.05 18.62 35.98
CA ASP A 185 10.56 17.59 36.89
C ASP A 185 9.44 16.94 37.69
N VAL A 186 8.50 17.76 38.14
CA VAL A 186 7.36 17.27 38.91
C VAL A 186 6.46 16.40 38.05
N LEU A 187 6.43 16.68 36.75
CA LEU A 187 5.72 15.84 35.79
C LEU A 187 6.41 14.49 35.56
N ALA A 188 7.73 14.52 35.42
CA ALA A 188 8.51 13.30 35.27
C ALA A 188 8.29 12.35 36.46
N ASP A 189 8.22 12.92 37.65
CA ASP A 189 7.97 12.14 38.86
C ASP A 189 6.63 11.42 38.80
N VAL A 190 5.58 12.14 38.41
CA VAL A 190 4.24 11.55 38.29
C VAL A 190 4.20 10.45 37.22
N GLY A 191 5.07 10.57 36.22
CA GLY A 191 5.22 9.50 35.23
C GLY A 191 5.44 10.00 33.81
N TYR A 192 5.24 11.29 33.58
CA TYR A 192 5.36 11.88 32.25
C TYR A 192 6.81 12.21 31.93
N GLY A 193 7.44 11.43 31.06
CA GLY A 193 8.84 11.65 30.71
C GLY A 193 9.03 12.49 29.46
N TYR A 194 8.92 13.80 29.59
CA TYR A 194 9.20 14.69 28.46
C TYR A 194 10.69 14.99 28.36
N GLY A 195 11.33 14.47 27.31
CA GLY A 195 12.67 14.89 26.96
C GLY A 195 12.69 16.23 26.26
N PRO A 196 13.88 16.66 25.81
CA PRO A 196 14.15 18.00 25.30
C PRO A 196 13.24 18.41 24.15
N THR A 197 12.97 17.49 23.22
CA THR A 197 12.09 17.81 22.09
C THR A 197 10.72 18.29 22.55
N PHE A 198 10.23 17.72 23.64
CA PHE A 198 8.85 17.99 24.07
C PHE A 198 8.78 19.08 25.13
N ARG A 199 9.91 19.44 25.72
CA ARG A 199 9.91 20.49 26.73
C ARG A 199 9.85 21.87 26.08
N ALA A 200 8.70 22.20 25.49
CA ALA A 200 8.60 23.36 24.61
C ALA A 200 7.76 24.48 25.23
N VAL A 201 7.20 24.23 26.40
CA VAL A 201 6.43 25.26 27.09
C VAL A 201 7.33 26.33 27.66
N ARG A 202 7.22 27.55 27.15
CA ARG A 202 8.15 28.64 27.50
C ARG A 202 7.61 29.54 28.59
N ALA A 203 6.30 29.73 28.62
CA ALA A 203 5.64 30.55 29.62
C ALA A 203 4.19 30.10 29.71
N VAL A 204 3.60 30.26 30.89
CA VAL A 204 2.19 29.97 31.08
C VAL A 204 1.54 31.07 31.90
N TRP A 205 0.35 31.52 31.46
CA TRP A 205 -0.48 32.38 32.29
C TRP A 205 -1.80 31.74 32.53
N ARG A 206 -2.44 32.10 33.64
CA ARG A 206 -3.73 31.52 33.99
C ARG A 206 -4.75 32.61 34.30
N ARG A 207 -6.01 32.33 33.98
CA ARG A 207 -7.09 33.29 34.15
C ARG A 207 -8.38 32.53 34.43
N GLY A 208 -9.15 32.97 35.42
CA GLY A 208 -10.35 32.24 35.85
C GLY A 208 -10.03 31.14 36.86
N SER A 209 -11.04 30.35 37.24
CA SER A 209 -10.87 29.41 38.34
C SER A 209 -11.45 28.00 38.10
N GLY A 210 -12.75 27.94 37.80
CA GLY A 210 -13.45 26.66 37.75
C GLY A 210 -13.43 26.01 36.39
N ASN A 211 -14.62 25.80 35.82
CA ASN A 211 -14.75 25.36 34.43
C ASN A 211 -14.57 26.54 33.48
N THR A 212 -14.27 27.70 34.04
CA THR A 212 -14.09 28.92 33.25
C THR A 212 -12.59 29.24 33.16
N THR A 213 -11.78 28.28 33.59
CA THR A 213 -10.32 28.38 33.51
C THR A 213 -9.84 28.52 32.06
N GLU A 214 -9.01 29.53 31.81
CA GLU A 214 -8.23 29.61 30.57
C GLU A 214 -6.74 29.46 30.89
N THR A 215 -6.04 28.68 30.07
CA THR A 215 -4.59 28.61 30.13
C THR A 215 -3.97 29.21 28.86
N PHE A 216 -3.08 30.18 29.05
CA PHE A 216 -2.36 30.78 27.94
C PHE A 216 -0.89 30.37 28.00
N ALA A 217 -0.28 30.13 26.84
CA ALA A 217 1.12 29.71 26.83
C ALA A 217 1.84 30.14 25.56
N GLU A 218 3.14 30.39 25.69
CA GLU A 218 4.02 30.44 24.54
C GLU A 218 4.78 29.12 24.42
N ILE A 219 4.74 28.56 23.23
CA ILE A 219 5.35 27.27 22.96
C ILE A 219 6.40 27.47 21.87
N ALA A 220 7.61 26.97 22.10
CA ALA A 220 8.65 27.03 21.10
C ALA A 220 9.49 25.76 21.16
N LEU A 221 9.60 25.06 20.03
CA LEU A 221 10.43 23.86 19.96
C LEU A 221 11.89 24.25 20.14
N PRO A 222 12.69 23.38 20.78
CA PRO A 222 14.13 23.63 20.84
C PRO A 222 14.74 23.62 19.44
N GLU A 223 15.90 24.24 19.30
CA GLU A 223 16.51 24.41 17.98
C GLU A 223 16.77 23.08 17.29
N ASP A 224 16.96 22.02 18.09
CA ASP A 224 17.21 20.68 17.55
C ASP A 224 16.04 20.19 16.69
N ALA A 225 14.83 20.64 17.00
CA ALA A 225 13.63 20.12 16.36
C ALA A 225 13.21 20.98 15.17
N ARG A 226 13.89 22.10 14.99
CA ARG A 226 13.43 23.15 14.08
C ARG A 226 13.27 22.67 12.63
N ALA A 227 14.30 22.01 12.11
CA ALA A 227 14.29 21.58 10.71
C ALA A 227 13.18 20.56 10.46
N GLU A 228 13.02 19.62 11.38
CA GLU A 228 11.91 18.67 11.33
C GLU A 228 10.56 19.37 11.32
N ALA A 229 10.35 20.26 12.29
CA ALA A 229 9.11 21.01 12.43
C ALA A 229 8.61 21.53 11.08
N GLY A 230 9.53 22.00 10.25
CA GLY A 230 9.17 22.60 8.97
C GLY A 230 8.59 21.60 7.99
N ARG A 231 8.87 20.31 8.21
CA ARG A 231 8.39 19.27 7.28
C ARG A 231 7.06 18.65 7.70
N PHE A 232 6.63 18.93 8.93
CA PHE A 232 5.35 18.43 9.44
C PHE A 232 4.18 19.34 9.04
N GLY A 233 2.97 18.80 9.09
CA GLY A 233 1.78 19.62 9.21
C GLY A 233 1.84 20.44 10.49
N ILE A 234 1.89 19.75 11.62
CA ILE A 234 2.37 20.34 12.86
C ILE A 234 3.21 19.33 13.64
N HIS A 235 4.40 19.75 14.07
CA HIS A 235 5.27 18.84 14.81
C HIS A 235 4.58 18.32 16.05
N PRO A 236 4.50 16.98 16.18
CA PRO A 236 3.74 16.40 17.28
C PRO A 236 4.18 16.94 18.64
N ALA A 237 5.44 17.35 18.76
CA ALA A 237 5.93 17.92 20.01
C ALA A 237 5.39 19.33 20.25
N LEU A 238 5.23 20.09 19.17
CA LEU A 238 4.60 21.41 19.26
C LEU A 238 3.14 21.31 19.70
N LEU A 239 2.39 20.40 19.09
CA LEU A 239 1.00 20.20 19.47
C LEU A 239 0.86 19.61 20.88
N ASP A 240 1.76 18.67 21.22
CA ASP A 240 1.74 18.09 22.55
C ASP A 240 1.99 19.13 23.63
N ALA A 241 3.01 19.97 23.42
CA ALA A 241 3.33 21.01 24.39
C ALA A 241 2.20 22.03 24.50
N ALA A 242 1.56 22.33 23.37
CA ALA A 242 0.42 23.23 23.36
C ALA A 242 -0.62 22.77 24.36
N LEU A 243 -0.83 21.46 24.42
CA LEU A 243 -1.86 20.89 25.29
C LEU A 243 -1.34 20.59 26.70
N HIS A 244 -0.09 20.16 26.81
CA HIS A 244 0.47 19.80 28.12
C HIS A 244 0.93 20.97 28.94
N SER A 245 0.78 22.17 28.37
CA SER A 245 0.90 23.40 29.14
C SER A 245 -0.07 23.44 30.32
N THR A 246 -1.23 22.81 30.16
CA THR A 246 -2.21 22.71 31.24
C THR A 246 -1.68 21.90 32.42
N MET A 247 -0.89 20.88 32.11
CA MET A 247 -0.29 20.03 33.13
C MET A 247 0.90 20.73 33.78
N VAL A 248 1.78 21.26 32.93
CA VAL A 248 2.86 22.12 33.38
C VAL A 248 2.33 23.21 34.32
N SER A 249 1.21 23.81 33.93
CA SER A 249 0.54 24.77 34.80
C SER A 249 0.22 24.18 36.17
N ALA A 250 -0.40 23.00 36.17
CA ALA A 250 -0.80 22.34 37.41
C ALA A 250 0.39 21.90 38.25
N ALA A 251 1.43 21.39 37.57
CA ALA A 251 2.61 20.87 38.26
C ALA A 251 3.32 21.93 39.09
N ALA A 252 3.06 23.20 38.79
CA ALA A 252 3.60 24.30 39.59
C ALA A 252 2.58 24.79 40.62
N ASP A 253 1.42 24.13 40.63
CA ASP A 253 0.31 24.49 41.50
C ASP A 253 -0.18 25.92 41.30
N VAL A 261 -1.21 8.98 35.75
CA VAL A 261 -1.12 9.60 34.42
C VAL A 261 -2.40 9.38 33.61
N ARG A 262 -2.70 10.33 32.73
CA ARG A 262 -3.76 10.16 31.73
C ARG A 262 -3.21 10.44 30.34
N LEU A 263 -3.81 9.81 29.33
CA LEU A 263 -3.44 10.05 27.94
C LEU A 263 -4.65 10.53 27.12
N PRO A 264 -4.39 11.28 26.03
CA PRO A 264 -5.51 11.71 25.19
C PRO A 264 -6.37 10.51 24.80
N PHE A 265 -7.70 10.68 24.87
CA PHE A 265 -8.61 9.58 24.53
C PHE A 265 -9.38 9.84 23.23
N ALA A 266 -10.18 10.90 23.22
CA ALA A 266 -11.02 11.21 22.07
C ALA A 266 -10.80 12.64 21.56
N TRP A 267 -10.48 12.76 20.28
CA TRP A 267 -10.27 14.05 19.63
C TRP A 267 -11.49 14.37 18.82
N ASN A 268 -11.93 15.62 18.85
CA ASN A 268 -13.08 16.04 18.06
C ASN A 268 -12.84 17.40 17.44
N GLY A 269 -12.98 17.48 16.11
CA GLY A 269 -12.91 18.76 15.40
C GLY A 269 -11.53 19.37 15.42
N LEU A 270 -10.54 18.62 14.95
CA LEU A 270 -9.20 19.14 14.80
C LEU A 270 -8.90 19.63 13.38
N ARG A 271 -8.46 20.88 13.28
CA ARG A 271 -8.11 21.48 12.00
C ARG A 271 -6.70 22.05 12.06
N LEU A 272 -5.91 21.77 11.03
CA LEU A 272 -4.62 22.41 10.87
C LEU A 272 -4.70 23.48 9.79
N HIS A 273 -4.37 24.71 10.15
CA HIS A 273 -4.69 25.84 9.29
C HIS A 273 -3.47 26.33 8.56
N ALA A 274 -2.31 26.23 9.22
CA ALA A 274 -1.06 26.67 8.61
C ALA A 274 0.05 25.69 8.97
N ALA A 275 0.79 25.23 7.97
CA ALA A 275 1.69 24.09 8.15
C ALA A 275 3.09 24.50 8.60
N GLY A 276 3.72 23.64 9.40
CA GLY A 276 5.17 23.69 9.58
C GLY A 276 5.63 24.74 10.58
N ALA A 277 4.76 25.11 11.52
CA ALA A 277 5.08 26.10 12.54
C ALA A 277 6.09 25.56 13.56
N SER A 278 6.79 26.45 14.26
CA SER A 278 7.69 26.03 15.34
C SER A 278 7.53 26.82 16.63
N VAL A 279 6.70 27.86 16.59
CA VAL A 279 6.47 28.70 17.75
C VAL A 279 4.99 29.10 17.76
N LEU A 280 4.34 28.96 18.92
CA LEU A 280 2.90 29.22 18.99
C LEU A 280 2.56 30.13 20.17
N ARG A 281 1.49 30.89 20.04
CA ARG A 281 0.73 31.36 21.19
C ARG A 281 -0.58 30.57 21.26
N VAL A 282 -0.91 30.07 22.45
CA VAL A 282 -2.02 29.15 22.60
C VAL A 282 -2.99 29.58 23.71
N ARG A 283 -4.28 29.38 23.45
CA ARG A 283 -5.30 29.43 24.51
C ARG A 283 -5.96 28.07 24.67
N VAL A 284 -5.91 27.53 25.89
CA VAL A 284 -6.58 26.26 26.18
C VAL A 284 -7.69 26.45 27.20
N ALA A 285 -8.89 25.98 26.86
CA ALA A 285 -10.04 26.11 27.75
C ALA A 285 -10.83 24.81 27.93
N LYS A 286 -11.87 24.86 28.74
CA LYS A 286 -12.69 23.68 29.05
C LYS A 286 -14.13 23.88 28.58
N PRO A 287 -14.52 23.19 27.50
CA PRO A 287 -15.93 23.15 27.12
C PRO A 287 -16.78 22.34 28.10
N GLU A 288 -16.22 21.26 28.61
CA GLU A 288 -16.86 20.48 29.68
C GLU A 288 -15.79 20.14 30.72
N ARG A 289 -16.19 19.51 31.81
CA ARG A 289 -15.28 19.35 32.95
C ARG A 289 -14.17 18.34 32.70
N ASP A 290 -14.35 17.49 31.69
CA ASP A 290 -13.39 16.44 31.39
C ASP A 290 -12.69 16.68 30.06
N SER A 291 -12.87 17.87 29.49
CA SER A 291 -12.40 18.13 28.13
C SER A 291 -11.62 19.44 27.96
N LEU A 292 -10.88 19.51 26.85
CA LEU A 292 -10.11 20.71 26.50
C LEU A 292 -10.49 21.19 25.09
N SER A 293 -10.37 22.48 24.85
CA SER A 293 -10.37 23.02 23.50
C SER A 293 -9.10 23.84 23.31
N LEU A 294 -8.65 23.97 22.06
CA LEU A 294 -7.39 24.65 21.79
C LEU A 294 -7.52 25.56 20.58
N GLU A 295 -6.97 26.76 20.69
CA GLU A 295 -6.70 27.61 19.53
C GLU A 295 -5.26 28.10 19.63
N ALA A 296 -4.52 28.00 18.53
CA ALA A 296 -3.12 28.40 18.53
C ALA A 296 -2.79 29.20 17.29
N VAL A 297 -2.04 30.29 17.48
CA VAL A 297 -1.59 31.12 16.36
C VAL A 297 -0.06 31.16 16.31
N ASP A 298 0.50 31.50 15.14
CA ASP A 298 1.92 31.75 15.06
C ASP A 298 2.24 33.18 15.45
N GLU A 299 3.51 33.55 15.42
CA GLU A 299 3.92 34.84 15.98
C GLU A 299 3.45 36.02 15.12
N SER A 300 3.09 35.72 13.87
CA SER A 300 2.50 36.72 13.00
C SER A 300 0.99 36.83 13.23
N GLY A 301 0.46 35.97 14.09
CA GLY A 301 -0.93 36.08 14.49
C GLY A 301 -1.88 35.27 13.62
N GLY A 302 -1.34 34.55 12.65
CA GLY A 302 -2.15 33.68 11.80
C GLY A 302 -2.53 32.40 12.51
N LEU A 303 -3.73 31.90 12.23
CA LEU A 303 -4.17 30.62 12.81
C LEU A 303 -3.23 29.47 12.42
N VAL A 304 -2.98 28.57 13.37
CA VAL A 304 -2.23 27.35 13.09
C VAL A 304 -3.02 26.07 13.35
N VAL A 305 -3.64 25.97 14.53
CA VAL A 305 -4.48 24.81 14.84
C VAL A 305 -5.68 25.17 15.71
N THR A 306 -6.83 24.59 15.39
CA THR A 306 -7.97 24.67 16.30
C THR A 306 -8.46 23.27 16.66
N LEU A 307 -8.89 23.11 17.90
CA LEU A 307 -9.37 21.83 18.38
C LEU A 307 -10.66 22.04 19.16
N ASP A 308 -11.76 21.48 18.66
CA ASP A 308 -13.06 21.67 19.30
C ASP A 308 -13.10 21.01 20.67
N SER A 309 -12.60 19.78 20.74
CA SER A 309 -12.73 18.97 21.95
C SER A 309 -11.66 17.88 22.01
N LEU A 310 -10.99 17.77 23.15
CA LEU A 310 -10.22 16.58 23.49
C LEU A 310 -10.63 16.03 24.86
N VAL A 311 -11.10 14.78 24.88
CA VAL A 311 -11.40 14.09 26.12
C VAL A 311 -10.29 13.08 26.46
N GLY A 312 -9.95 12.97 27.74
CA GLY A 312 -8.83 12.13 28.17
C GLY A 312 -9.28 10.94 29.01
N ARG A 313 -8.35 10.01 29.27
CA ARG A 313 -8.62 8.88 30.16
C ARG A 313 -7.35 8.31 30.83
N PRO A 314 -7.53 7.65 31.99
CA PRO A 314 -6.41 7.26 32.86
C PRO A 314 -5.54 6.16 32.26
N ASP B 27 15.04 -1.84 2.18
CA ASP B 27 14.54 -0.87 1.17
C ASP B 27 13.02 -0.77 1.20
N ALA B 28 12.35 -1.86 0.86
CA ALA B 28 10.92 -1.98 1.13
C ALA B 28 10.66 -2.00 2.63
N VAL B 29 11.49 -2.72 3.37
CA VAL B 29 11.33 -2.81 4.81
C VAL B 29 11.55 -1.44 5.46
N SER B 30 12.46 -0.68 4.86
CA SER B 30 12.74 0.70 5.26
C SER B 30 11.49 1.58 5.24
N LEU B 31 10.63 1.35 4.24
CA LEU B 31 9.46 2.19 4.00
C LEU B 31 8.19 1.68 4.68
N GLY B 32 8.28 0.53 5.35
CA GLY B 32 7.12 -0.05 6.02
C GLY B 32 6.36 -1.06 5.17
N LEU B 33 7.07 -1.69 4.23
CA LEU B 33 6.49 -2.80 3.48
C LEU B 33 7.41 -4.03 3.53
N ALA B 34 7.01 -5.10 2.86
CA ALA B 34 7.88 -6.25 2.65
C ALA B 34 8.30 -6.33 1.19
N GLY B 35 9.53 -6.80 0.96
CA GLY B 35 9.94 -7.13 -0.41
C GLY B 35 9.12 -8.28 -0.96
N ALA B 36 8.86 -8.26 -2.26
CA ALA B 36 7.97 -9.24 -2.88
C ALA B 36 8.75 -10.47 -3.37
N ASP B 37 10.06 -10.29 -3.57
CA ASP B 37 10.92 -11.30 -4.15
C ASP B 37 10.32 -11.98 -5.39
N HIS B 38 9.99 -11.17 -6.39
CA HIS B 38 9.47 -11.65 -7.67
C HIS B 38 9.91 -10.68 -8.74
N PRO B 39 10.27 -11.19 -9.93
CA PRO B 39 10.94 -10.33 -10.91
C PRO B 39 10.05 -9.21 -11.43
N LEU B 40 8.75 -9.30 -11.19
CA LEU B 40 7.82 -8.30 -11.72
C LEU B 40 7.14 -7.47 -10.62
N LEU B 41 7.52 -7.71 -9.38
CA LEU B 41 6.88 -7.02 -8.26
C LEU B 41 7.92 -6.36 -7.35
N GLY B 42 7.56 -5.22 -6.80
CA GLY B 42 8.44 -4.50 -5.88
C GLY B 42 8.18 -4.85 -4.43
N ALA B 43 6.95 -4.61 -3.99
CA ALA B 43 6.65 -4.69 -2.57
C ALA B 43 5.29 -5.30 -2.32
N VAL B 44 5.07 -5.72 -1.07
CA VAL B 44 3.76 -6.20 -0.68
C VAL B 44 3.46 -5.71 0.72
N VAL B 45 2.22 -5.32 0.95
CA VAL B 45 1.82 -4.99 2.29
C VAL B 45 0.42 -5.44 2.60
N GLN B 46 0.27 -5.99 3.80
CA GLN B 46 -1.03 -6.35 4.32
C GLN B 46 -1.89 -5.12 4.57
N LEU B 47 -3.20 -5.31 4.50
CA LEU B 47 -4.16 -4.25 4.73
C LEU B 47 -5.11 -4.68 5.84
N PRO B 48 -4.71 -4.44 7.09
CA PRO B 48 -5.52 -4.87 8.23
C PRO B 48 -6.92 -4.24 8.28
N GLN B 49 -7.13 -3.16 7.53
CA GLN B 49 -8.45 -2.50 7.44
C GLN B 49 -9.47 -3.39 6.72
N SER B 50 -8.98 -4.39 6.00
CA SER B 50 -9.81 -5.18 5.11
C SER B 50 -9.39 -6.65 5.05
N ASP B 51 -8.30 -6.99 5.73
CA ASP B 51 -7.70 -8.32 5.63
C ASP B 51 -7.32 -8.65 4.19
N GLY B 52 -7.13 -7.62 3.38
CA GLY B 52 -6.62 -7.78 2.03
C GLY B 52 -5.11 -7.71 2.01
N LEU B 53 -4.55 -7.68 0.80
CA LEU B 53 -3.18 -7.21 0.67
C LEU B 53 -2.97 -6.63 -0.71
N VAL B 54 -1.86 -5.92 -0.87
CA VAL B 54 -1.60 -5.21 -2.11
C VAL B 54 -0.14 -5.37 -2.50
N PHE B 55 0.08 -5.75 -3.76
CA PHE B 55 1.42 -5.81 -4.31
C PHE B 55 1.64 -4.61 -5.20
N THR B 56 2.80 -3.99 -5.08
CA THR B 56 3.08 -2.80 -5.87
C THR B 56 4.30 -3.06 -6.74
N SER B 57 4.35 -2.41 -7.89
CA SER B 57 5.45 -2.59 -8.82
C SER B 57 5.60 -1.40 -9.75
N ARG B 58 6.82 -1.17 -10.21
CA ARG B 58 7.05 -0.30 -11.35
C ARG B 58 7.74 -1.04 -12.49
N LEU B 59 7.06 -1.13 -13.64
CA LEU B 59 7.63 -1.75 -14.82
C LEU B 59 8.16 -0.71 -15.80
N SER B 60 9.32 -0.99 -16.38
CA SER B 60 9.84 -0.21 -17.50
C SER B 60 10.67 -1.15 -18.38
N LEU B 61 10.86 -0.77 -19.65
CA LEU B 61 11.67 -1.55 -20.56
C LEU B 61 13.15 -1.53 -20.17
N ARG B 62 13.55 -0.55 -19.38
CA ARG B 62 14.91 -0.48 -18.87
C ARG B 62 15.10 -1.50 -17.75
N SER B 63 14.11 -1.59 -16.88
CA SER B 63 14.16 -2.50 -15.74
C SER B 63 13.82 -3.93 -16.15
N HIS B 64 12.87 -4.05 -17.08
CA HIS B 64 12.44 -5.36 -17.55
C HIS B 64 12.47 -5.44 -19.05
N PRO B 65 13.67 -5.65 -19.61
CA PRO B 65 13.94 -5.56 -21.04
C PRO B 65 13.17 -6.60 -21.83
N TRP B 66 12.94 -7.77 -21.25
CA TRP B 66 12.28 -8.85 -21.99
C TRP B 66 10.83 -8.57 -22.26
N LEU B 67 10.25 -7.62 -21.53
CA LEU B 67 8.89 -7.18 -21.79
C LEU B 67 8.73 -6.65 -23.22
N ALA B 68 9.80 -6.08 -23.77
CA ALA B 68 9.74 -5.50 -25.11
C ALA B 68 9.43 -6.56 -26.15
N ASP B 69 9.67 -7.82 -25.78
CA ASP B 69 9.51 -8.94 -26.71
C ASP B 69 8.05 -9.39 -26.85
N HIS B 70 7.14 -8.75 -26.13
CA HIS B 70 5.72 -8.94 -26.36
C HIS B 70 5.03 -7.67 -26.72
N ALA B 71 4.81 -7.46 -28.02
CA ALA B 71 4.26 -6.22 -28.53
C ALA B 71 3.19 -6.51 -29.58
N VAL B 72 2.09 -5.77 -29.52
CA VAL B 72 1.06 -5.84 -30.54
C VAL B 72 0.99 -4.53 -31.33
N ARG B 73 1.01 -4.64 -32.65
CA ARG B 73 1.15 -3.46 -33.52
C ARG B 73 2.10 -2.42 -32.94
N ASP B 74 3.29 -2.88 -32.55
CA ASP B 74 4.38 -2.00 -32.12
C ASP B 74 4.20 -1.45 -30.70
N VAL B 75 3.08 -1.78 -30.07
CA VAL B 75 2.83 -1.33 -28.70
C VAL B 75 3.18 -2.44 -27.70
N VAL B 76 4.06 -2.14 -26.74
CA VAL B 76 4.42 -3.14 -25.74
C VAL B 76 3.31 -3.37 -24.72
N ILE B 77 2.81 -4.60 -24.69
CA ILE B 77 1.75 -4.99 -23.77
C ILE B 77 2.26 -6.10 -22.87
N VAL B 78 2.04 -5.97 -21.56
CA VAL B 78 2.24 -7.11 -20.66
C VAL B 78 1.31 -8.23 -21.10
N PRO B 79 1.87 -9.41 -21.42
CA PRO B 79 1.01 -10.49 -21.88
C PRO B 79 -0.06 -10.83 -20.85
N GLY B 80 -1.19 -11.36 -21.30
CA GLY B 80 -2.21 -11.89 -20.40
C GLY B 80 -1.67 -12.90 -19.40
N THR B 81 -0.73 -13.73 -19.85
CA THR B 81 -0.05 -14.68 -18.97
C THR B 81 0.72 -13.97 -17.86
N GLY B 82 1.29 -12.81 -18.18
CA GLY B 82 1.90 -11.95 -17.18
C GLY B 82 0.94 -11.62 -16.07
N LEU B 83 -0.28 -11.25 -16.43
CA LEU B 83 -1.29 -10.91 -15.43
C LEU B 83 -1.71 -12.14 -14.62
N VAL B 84 -1.76 -13.29 -15.28
CA VAL B 84 -1.98 -14.56 -14.59
C VAL B 84 -0.87 -14.86 -13.58
N GLU B 85 0.38 -14.66 -13.99
CA GLU B 85 1.52 -14.92 -13.10
C GLU B 85 1.48 -14.05 -11.84
N LEU B 86 1.13 -12.78 -12.00
CA LEU B 86 1.02 -11.87 -10.85
C LEU B 86 -0.14 -12.28 -9.93
N ALA B 87 -1.27 -12.63 -10.54
CA ALA B 87 -2.45 -13.03 -9.79
C ALA B 87 -2.18 -14.25 -8.92
N VAL B 88 -1.50 -15.25 -9.50
CA VAL B 88 -1.22 -16.47 -8.75
C VAL B 88 -0.16 -16.26 -7.67
N ARG B 89 0.84 -15.44 -7.97
CA ARG B 89 1.83 -15.06 -6.97
C ARG B 89 1.18 -14.32 -5.80
N ALA B 90 0.23 -13.43 -6.09
CA ALA B 90 -0.52 -12.75 -5.05
C ALA B 90 -1.35 -13.73 -4.22
N GLY B 91 -1.98 -14.68 -4.89
CA GLY B 91 -2.71 -15.74 -4.21
C GLY B 91 -1.82 -16.57 -3.29
N ASP B 92 -0.65 -16.96 -3.80
CA ASP B 92 0.31 -17.72 -3.01
C ASP B 92 0.54 -17.04 -1.67
N GLU B 93 0.72 -15.73 -1.72
CA GLU B 93 0.99 -14.94 -0.52
C GLU B 93 -0.08 -15.18 0.53
N ALA B 94 -1.29 -15.49 0.08
CA ALA B 94 -2.45 -15.51 0.98
C ALA B 94 -3.07 -16.89 1.10
N GLY B 95 -2.40 -17.91 0.58
CA GLY B 95 -2.92 -19.28 0.67
C GLY B 95 -4.08 -19.54 -0.27
N CYS B 96 -4.12 -18.79 -1.37
CA CYS B 96 -5.14 -18.90 -2.39
C CYS B 96 -4.51 -19.06 -3.77
N PRO B 97 -3.89 -20.21 -4.04
CA PRO B 97 -2.99 -20.31 -5.19
C PRO B 97 -3.74 -20.63 -6.48
N VAL B 98 -5.02 -20.96 -6.39
CA VAL B 98 -5.76 -21.40 -7.58
C VAL B 98 -6.59 -20.30 -8.21
N LEU B 99 -6.35 -20.05 -9.49
CA LEU B 99 -7.04 -18.99 -10.22
C LEU B 99 -8.36 -19.50 -10.80
N ASP B 100 -9.44 -19.25 -10.07
CA ASP B 100 -10.76 -19.71 -10.48
C ASP B 100 -11.20 -18.97 -11.74
N GLU B 101 -10.86 -17.70 -11.82
CA GLU B 101 -11.35 -16.83 -12.87
C GLU B 101 -10.49 -15.58 -12.95
N LEU B 102 -10.17 -15.19 -14.17
CA LEU B 102 -9.55 -13.89 -14.42
C LEU B 102 -10.10 -13.34 -15.72
N VAL B 103 -10.75 -12.18 -15.65
CA VAL B 103 -11.23 -11.51 -16.85
C VAL B 103 -10.33 -10.34 -17.21
N ILE B 104 -9.73 -10.43 -18.41
CA ILE B 104 -8.84 -9.37 -18.89
C ILE B 104 -9.64 -8.24 -19.54
N GLU B 105 -9.38 -7.02 -19.10
CA GLU B 105 -10.20 -5.88 -19.50
C GLU B 105 -9.46 -4.98 -20.50
N ALA B 106 -8.54 -4.17 -19.99
CA ALA B 106 -7.75 -3.28 -20.84
C ALA B 106 -6.30 -3.74 -20.83
N PRO B 107 -5.65 -3.70 -22.00
CA PRO B 107 -4.25 -4.15 -22.04
C PRO B 107 -3.36 -3.28 -21.17
N LEU B 108 -2.37 -3.89 -20.53
CA LEU B 108 -1.40 -3.15 -19.73
C LEU B 108 -0.22 -2.71 -20.57
N VAL B 109 -0.27 -1.46 -21.04
CA VAL B 109 0.77 -0.94 -21.93
C VAL B 109 2.04 -0.59 -21.16
N VAL B 110 3.19 -1.02 -21.65
CA VAL B 110 4.46 -0.56 -21.11
C VAL B 110 5.07 0.54 -21.98
N PRO B 111 5.20 1.75 -21.41
CA PRO B 111 5.86 2.90 -22.03
C PRO B 111 7.20 2.54 -22.65
N ARG B 112 7.52 3.15 -23.78
CA ARG B 112 8.84 2.96 -24.39
C ARG B 112 9.95 3.58 -23.54
N ARG B 113 9.63 4.69 -22.89
CA ARG B 113 10.55 5.32 -21.93
C ARG B 113 9.81 5.61 -20.62
N GLY B 114 10.55 5.60 -19.51
CA GLY B 114 9.95 5.81 -18.19
C GLY B 114 9.02 4.68 -17.80
N GLY B 115 8.45 4.75 -16.61
CA GLY B 115 7.85 3.57 -15.98
C GLY B 115 6.34 3.57 -16.01
N VAL B 116 5.74 2.40 -15.79
CA VAL B 116 4.32 2.31 -15.46
C VAL B 116 4.12 1.62 -14.11
N ARG B 117 3.30 2.24 -13.26
CA ARG B 117 3.05 1.73 -11.91
C ARG B 117 1.98 0.65 -11.95
N VAL B 118 2.26 -0.50 -11.35
CA VAL B 118 1.31 -1.61 -11.35
C VAL B 118 0.90 -1.97 -9.94
N GLN B 119 -0.38 -2.30 -9.78
CA GLN B 119 -0.88 -2.76 -8.49
C GLN B 119 -1.67 -4.05 -8.65
N VAL B 120 -1.37 -5.03 -7.81
CA VAL B 120 -2.23 -6.20 -7.67
C VAL B 120 -2.94 -6.17 -6.33
N ALA B 121 -4.26 -6.04 -6.35
CA ALA B 121 -5.03 -5.94 -5.11
C ALA B 121 -5.80 -7.22 -4.84
N LEU B 122 -5.63 -7.74 -3.63
CA LEU B 122 -6.25 -8.98 -3.21
C LEU B 122 -7.24 -8.67 -2.10
N GLY B 123 -8.49 -9.05 -2.29
CA GLY B 123 -9.53 -8.81 -1.29
C GLY B 123 -9.35 -9.67 -0.05
N GLY B 124 -10.06 -9.32 1.01
CA GLY B 124 -10.17 -10.19 2.18
C GLY B 124 -10.87 -11.49 1.83
N PRO B 125 -10.68 -12.52 2.68
CA PRO B 125 -11.24 -13.84 2.36
C PRO B 125 -12.75 -13.91 2.60
N ALA B 126 -13.47 -14.55 1.68
CA ALA B 126 -14.84 -14.93 1.93
C ALA B 126 -14.89 -16.14 2.87
N ASP B 127 -16.09 -16.55 3.25
CA ASP B 127 -16.25 -17.73 4.10
C ASP B 127 -15.57 -18.93 3.42
N ASP B 128 -15.77 -18.99 2.10
CA ASP B 128 -14.96 -19.81 1.19
C ASP B 128 -13.49 -19.97 1.61
N GLY B 129 -12.88 -18.82 1.90
CA GLY B 129 -11.44 -18.65 1.71
C GLY B 129 -11.12 -17.96 0.39
N SER B 130 -12.10 -17.88 -0.49
CA SER B 130 -11.89 -17.25 -1.80
C SER B 130 -11.68 -15.74 -1.68
N ARG B 131 -10.87 -15.19 -2.58
CA ARG B 131 -10.53 -13.77 -2.57
C ARG B 131 -10.65 -13.18 -3.97
N THR B 132 -11.10 -11.93 -4.04
CA THR B 132 -11.05 -11.18 -5.30
C THR B 132 -9.62 -10.74 -5.63
N VAL B 133 -9.32 -10.63 -6.91
CA VAL B 133 -8.04 -10.07 -7.33
C VAL B 133 -8.26 -9.07 -8.46
N ASP B 134 -7.54 -7.95 -8.37
CA ASP B 134 -7.69 -6.87 -9.34
C ASP B 134 -6.32 -6.32 -9.70
N VAL B 135 -6.08 -6.12 -10.98
CA VAL B 135 -4.80 -5.59 -11.45
C VAL B 135 -5.02 -4.22 -12.08
N PHE B 136 -4.29 -3.22 -11.57
CA PHE B 136 -4.43 -1.85 -12.02
C PHE B 136 -3.08 -1.34 -12.52
N SER B 137 -3.11 -0.27 -13.31
CA SER B 137 -1.89 0.46 -13.60
C SER B 137 -2.08 1.98 -13.64
N LEU B 138 -0.98 2.70 -13.46
CA LEU B 138 -0.98 4.16 -13.48
C LEU B 138 0.21 4.67 -14.29
N ARG B 139 -0.06 5.20 -15.47
CA ARG B 139 1.00 5.72 -16.34
C ARG B 139 1.54 7.05 -15.82
N GLU B 140 2.67 7.48 -16.35
CA GLU B 140 3.55 8.41 -15.64
C GLU B 140 2.92 9.79 -15.35
N ASP B 141 2.15 10.32 -16.29
CA ASP B 141 1.08 11.25 -15.92
C ASP B 141 -0.26 10.92 -16.56
N ALA B 142 -0.93 9.91 -16.01
CA ALA B 142 -2.39 9.91 -15.95
C ALA B 142 -2.78 10.40 -14.57
N ASP B 143 -4.05 10.77 -14.42
CA ASP B 143 -4.56 11.15 -13.12
C ASP B 143 -5.51 10.07 -12.61
N SER B 144 -5.72 9.05 -13.43
CA SER B 144 -6.57 7.92 -13.07
C SER B 144 -5.88 6.59 -13.30
N TRP B 145 -6.20 5.63 -12.44
CA TRP B 145 -5.82 4.24 -12.65
C TRP B 145 -6.67 3.57 -13.69
N LEU B 146 -6.07 2.64 -14.43
CA LEU B 146 -6.80 1.78 -15.36
C LEU B 146 -6.81 0.38 -14.77
N ARG B 147 -7.97 -0.28 -14.76
CA ARG B 147 -8.02 -1.70 -14.41
C ARG B 147 -7.79 -2.61 -15.62
N HIS B 148 -6.98 -3.64 -15.44
CA HIS B 148 -6.55 -4.49 -16.55
C HIS B 148 -7.16 -5.85 -16.46
N ALA B 149 -7.54 -6.23 -15.24
CA ALA B 149 -7.93 -7.59 -14.96
C ALA B 149 -8.63 -7.65 -13.62
N THR B 150 -9.62 -8.51 -13.54
CA THR B 150 -10.34 -8.75 -12.30
C THR B 150 -10.75 -10.21 -12.23
N GLY B 151 -10.72 -10.78 -11.04
CA GLY B 151 -10.94 -12.21 -10.90
C GLY B 151 -11.05 -12.73 -9.48
N VAL B 152 -10.98 -14.06 -9.34
CA VAL B 152 -11.15 -14.73 -8.05
C VAL B 152 -10.09 -15.80 -7.87
N LEU B 153 -9.45 -15.79 -6.70
CA LEU B 153 -8.51 -16.83 -6.33
C LEU B 153 -9.14 -17.68 -5.24
N VAL B 154 -8.77 -18.96 -5.19
CA VAL B 154 -9.33 -19.86 -4.20
C VAL B 154 -8.26 -20.78 -3.63
N PRO B 155 -8.47 -21.28 -2.40
CA PRO B 155 -7.53 -22.21 -1.78
C PRO B 155 -7.40 -23.48 -2.60
N GLU B 156 -6.25 -24.17 -2.49
CA GLU B 156 -6.10 -25.49 -3.09
C GLU B 156 -6.82 -26.54 -2.25
N ASN B 157 -7.92 -27.06 -2.77
CA ASN B 157 -8.71 -28.05 -2.03
C ASN B 157 -8.63 -29.44 -2.62
N ARG B 158 -7.84 -29.58 -3.69
CA ARG B 158 -7.74 -30.85 -4.39
C ARG B 158 -6.37 -31.47 -4.12
N PRO B 159 -6.30 -32.81 -4.20
CA PRO B 159 -5.01 -33.48 -4.08
C PRO B 159 -4.07 -33.10 -5.21
N ARG B 160 -2.79 -33.38 -5.02
CA ARG B 160 -1.79 -33.16 -6.07
C ARG B 160 -2.27 -33.71 -7.41
N GLY B 161 -2.07 -32.94 -8.48
CA GLY B 161 -2.68 -33.24 -9.77
C GLY B 161 -1.96 -34.34 -10.53
N THR B 162 -2.73 -35.10 -11.32
CA THR B 162 -2.16 -36.06 -12.28
C THR B 162 -2.56 -35.64 -13.69
N ALA B 163 -1.61 -35.66 -14.61
CA ALA B 163 -1.93 -35.34 -16.00
C ALA B 163 -2.95 -36.32 -16.58
N ALA B 164 -3.96 -35.78 -17.26
CA ALA B 164 -5.05 -36.58 -17.80
C ALA B 164 -4.60 -37.27 -19.09
N PHE B 165 -3.66 -36.62 -19.78
CA PHE B 165 -3.22 -37.05 -21.10
C PHE B 165 -1.90 -37.81 -21.00
N ASP B 166 -1.73 -38.82 -21.84
CA ASP B 166 -0.50 -39.63 -21.83
C ASP B 166 0.63 -38.96 -22.61
N PHE B 167 1.39 -38.10 -21.92
CA PHE B 167 2.48 -37.36 -22.56
C PHE B 167 3.71 -38.23 -22.87
N ALA B 168 3.76 -39.42 -22.27
CA ALA B 168 4.90 -40.31 -22.46
C ALA B 168 4.91 -40.96 -23.83
N ALA B 169 3.75 -41.03 -24.47
CA ALA B 169 3.66 -41.49 -25.86
C ALA B 169 3.77 -40.31 -26.84
N TRP B 170 5.00 -39.98 -27.20
CA TRP B 170 5.32 -38.67 -27.76
C TRP B 170 6.22 -38.81 -28.96
N PRO B 171 5.89 -38.10 -30.05
CA PRO B 171 4.62 -37.38 -30.20
C PRO B 171 3.44 -38.33 -30.33
N PRO B 172 2.23 -37.82 -30.04
CA PRO B 172 1.01 -38.64 -30.01
C PRO B 172 0.77 -39.36 -31.32
N PRO B 173 0.25 -40.59 -31.26
CA PRO B 173 -0.26 -41.35 -32.39
C PRO B 173 -1.18 -40.51 -33.29
N GLU B 174 -0.91 -40.55 -34.59
CA GLU B 174 -1.78 -39.94 -35.60
C GLU B 174 -1.73 -38.41 -35.61
N ALA B 175 -0.82 -37.83 -34.83
CA ALA B 175 -0.61 -36.39 -34.88
C ALA B 175 0.47 -36.03 -35.90
N LYS B 176 0.19 -35.01 -36.72
CA LYS B 176 1.10 -34.68 -37.83
C LYS B 176 2.00 -33.49 -37.51
N PRO B 177 3.28 -33.59 -37.88
CA PRO B 177 4.26 -32.53 -37.70
C PRO B 177 3.92 -31.30 -38.54
N VAL B 178 4.15 -30.12 -37.98
CA VAL B 178 3.86 -28.88 -38.67
C VAL B 178 5.15 -28.10 -38.89
N ASP B 179 5.54 -27.98 -40.16
CA ASP B 179 6.74 -27.22 -40.50
C ASP B 179 6.59 -25.77 -40.04
N LEU B 180 7.41 -25.36 -39.09
CA LEU B 180 7.23 -24.05 -38.45
C LEU B 180 8.01 -22.94 -39.15
N THR B 181 8.67 -23.27 -40.25
CA THR B 181 9.50 -22.30 -40.96
C THR B 181 8.72 -21.05 -41.32
N GLY B 182 9.17 -19.91 -40.79
CA GLY B 182 8.63 -18.61 -41.21
C GLY B 182 7.34 -18.24 -40.49
N ALA B 183 6.91 -19.10 -39.56
CA ALA B 183 5.60 -18.94 -38.92
C ALA B 183 5.55 -17.70 -38.03
N TYR B 184 6.58 -17.52 -37.22
CA TYR B 184 6.64 -16.36 -36.32
C TYR B 184 6.69 -15.06 -37.11
N ASP B 185 7.41 -15.07 -38.24
CA ASP B 185 7.46 -13.91 -39.12
C ASP B 185 6.11 -13.58 -39.75
N VAL B 186 5.38 -14.62 -40.16
CA VAL B 186 3.99 -14.45 -40.59
C VAL B 186 3.20 -13.63 -39.58
N LEU B 187 3.13 -14.14 -38.35
CA LEU B 187 2.38 -13.49 -37.27
C LEU B 187 2.87 -12.07 -37.00
N ALA B 188 4.17 -11.82 -37.20
CA ALA B 188 4.74 -10.50 -37.00
C ALA B 188 4.19 -9.46 -37.98
N ASP B 189 3.77 -9.91 -39.16
CA ASP B 189 3.20 -9.02 -40.17
C ASP B 189 1.73 -8.77 -39.87
N VAL B 190 1.07 -9.79 -39.36
CA VAL B 190 -0.30 -9.66 -38.86
C VAL B 190 -0.36 -8.73 -37.64
N GLY B 191 0.78 -8.56 -36.98
CA GLY B 191 0.91 -7.54 -35.94
C GLY B 191 1.19 -8.12 -34.56
N TYR B 192 1.59 -9.39 -34.53
CA TYR B 192 2.05 -10.03 -33.31
C TYR B 192 3.57 -9.97 -33.22
N GLY B 193 4.08 -8.97 -32.51
CA GLY B 193 5.52 -8.81 -32.39
C GLY B 193 6.11 -9.64 -31.26
N TYR B 194 6.23 -10.95 -31.49
CA TYR B 194 6.97 -11.81 -30.56
C TYR B 194 8.48 -11.67 -30.77
N GLY B 195 9.14 -11.02 -29.82
CA GLY B 195 10.60 -10.97 -29.80
C GLY B 195 11.22 -12.28 -29.32
N PRO B 196 12.55 -12.33 -29.27
CA PRO B 196 13.31 -13.55 -28.96
C PRO B 196 12.80 -14.31 -27.72
N THR B 197 12.43 -13.59 -26.66
CA THR B 197 12.02 -14.22 -25.41
C THR B 197 10.77 -15.08 -25.61
N PHE B 198 9.90 -14.64 -26.51
CA PHE B 198 8.57 -15.22 -26.65
C PHE B 198 8.51 -16.23 -27.80
N ARG B 199 9.54 -16.25 -28.63
CA ARG B 199 9.63 -17.24 -29.71
C ARG B 199 10.05 -18.60 -29.16
N ALA B 200 9.19 -19.19 -28.32
CA ALA B 200 9.58 -20.37 -27.56
C ALA B 200 8.96 -21.67 -28.09
N VAL B 201 7.99 -21.57 -29.00
CA VAL B 201 7.48 -22.77 -29.66
C VAL B 201 8.55 -23.40 -30.56
N ARG B 202 8.97 -24.61 -30.23
CA ARG B 202 10.02 -25.29 -30.98
C ARG B 202 9.50 -26.31 -31.99
N ALA B 203 8.47 -27.06 -31.61
CA ALA B 203 7.92 -28.08 -32.48
C ALA B 203 6.43 -28.21 -32.26
N VAL B 204 5.69 -28.49 -33.33
CA VAL B 204 4.24 -28.62 -33.25
C VAL B 204 3.77 -29.85 -34.01
N TRP B 205 2.89 -30.61 -33.37
CA TRP B 205 2.11 -31.63 -34.08
C TRP B 205 0.65 -31.31 -33.98
N ARG B 206 -0.08 -31.64 -35.02
CA ARG B 206 -1.49 -31.29 -35.09
C ARG B 206 -2.31 -32.55 -35.33
N ARG B 207 -3.44 -32.66 -34.63
CA ARG B 207 -4.27 -33.83 -34.75
C ARG B 207 -5.74 -33.42 -34.87
N GLY B 208 -6.34 -33.74 -36.02
CA GLY B 208 -7.69 -33.27 -36.32
C GLY B 208 -7.68 -31.92 -36.98
N SER B 209 -8.85 -31.30 -37.05
CA SER B 209 -9.01 -30.06 -37.81
C SER B 209 -10.21 -29.26 -37.33
N GLY B 210 -10.25 -27.98 -37.70
CA GLY B 210 -11.30 -27.08 -37.25
C GLY B 210 -11.47 -27.10 -35.74
N ASN B 211 -12.71 -27.27 -35.30
CA ASN B 211 -13.04 -27.14 -33.88
C ASN B 211 -12.54 -28.31 -33.02
N THR B 212 -12.13 -29.40 -33.67
CA THR B 212 -11.75 -30.62 -32.93
C THR B 212 -10.24 -30.78 -32.78
N THR B 213 -9.48 -29.83 -33.32
CA THR B 213 -8.03 -30.01 -33.43
C THR B 213 -7.32 -29.91 -32.08
N GLU B 214 -6.44 -30.88 -31.83
CA GLU B 214 -5.51 -30.83 -30.71
C GLU B 214 -4.17 -30.32 -31.23
N THR B 215 -3.59 -29.35 -30.54
CA THR B 215 -2.24 -28.89 -30.87
C THR B 215 -1.25 -29.42 -29.82
N PHE B 216 -0.25 -30.17 -30.29
CA PHE B 216 0.79 -30.69 -29.40
C PHE B 216 2.10 -29.97 -29.72
N ALA B 217 2.76 -29.46 -28.69
CA ALA B 217 3.94 -28.63 -28.92
C ALA B 217 5.04 -28.86 -27.89
N GLU B 218 6.28 -28.72 -28.34
CA GLU B 218 7.42 -28.58 -27.45
C GLU B 218 7.82 -27.12 -27.31
N ILE B 219 7.74 -26.63 -26.07
CA ILE B 219 7.99 -25.23 -25.77
C ILE B 219 9.29 -25.16 -24.98
N ALA B 220 10.19 -24.26 -25.36
CA ALA B 220 11.39 -24.01 -24.56
C ALA B 220 11.80 -22.55 -24.59
N LEU B 221 11.94 -21.95 -23.41
CA LEU B 221 12.53 -20.62 -23.30
C LEU B 221 13.91 -20.59 -23.92
N PRO B 222 14.24 -19.47 -24.57
CA PRO B 222 15.59 -19.24 -25.06
C PRO B 222 16.59 -19.09 -23.93
N GLU B 223 17.86 -19.27 -24.26
CA GLU B 223 18.96 -19.30 -23.32
C GLU B 223 18.88 -18.28 -22.17
N ASP B 224 18.69 -17.00 -22.50
CA ASP B 224 18.73 -15.97 -21.46
C ASP B 224 17.53 -15.98 -20.50
N ALA B 225 16.32 -16.16 -21.03
CA ALA B 225 15.13 -16.28 -20.18
C ALA B 225 15.11 -17.62 -19.41
N ARG B 226 15.71 -18.64 -20.01
CA ARG B 226 15.76 -19.97 -19.39
C ARG B 226 16.45 -19.97 -18.03
N ALA B 227 17.58 -19.28 -17.93
CA ALA B 227 18.27 -19.15 -16.65
C ALA B 227 17.41 -18.50 -15.58
N GLU B 228 16.59 -17.52 -15.99
CA GLU B 228 15.77 -16.75 -15.05
C GLU B 228 14.46 -17.45 -14.66
N ALA B 229 14.16 -18.58 -15.30
CA ALA B 229 12.83 -19.18 -15.19
C ALA B 229 12.52 -19.65 -13.77
N GLY B 230 13.57 -19.97 -13.02
CA GLY B 230 13.41 -20.40 -11.63
C GLY B 230 12.92 -19.30 -10.70
N ARG B 231 12.97 -18.07 -11.18
CA ARG B 231 12.50 -16.93 -10.39
C ARG B 231 10.99 -16.79 -10.43
N PHE B 232 10.36 -17.44 -11.40
CA PHE B 232 8.93 -17.27 -11.64
C PHE B 232 8.18 -18.47 -11.10
N GLY B 233 6.89 -18.28 -10.81
CA GLY B 233 5.95 -19.39 -10.76
C GLY B 233 5.94 -20.14 -12.07
N ILE B 234 5.52 -19.45 -13.12
CA ILE B 234 5.83 -19.87 -14.49
C ILE B 234 6.12 -18.62 -15.34
N HIS B 235 7.29 -18.62 -15.99
CA HIS B 235 7.67 -17.48 -16.85
C HIS B 235 6.56 -17.14 -17.80
N PRO B 236 6.16 -15.86 -17.85
CA PRO B 236 4.99 -15.52 -18.68
C PRO B 236 5.20 -15.85 -20.15
N ALA B 237 6.44 -15.79 -20.62
CA ALA B 237 6.76 -16.15 -21.99
C ALA B 237 6.56 -17.63 -22.27
N LEU B 238 6.84 -18.46 -21.26
CA LEU B 238 6.69 -19.90 -21.42
C LEU B 238 5.20 -20.27 -21.53
N LEU B 239 4.39 -19.69 -20.65
CA LEU B 239 2.96 -19.94 -20.68
C LEU B 239 2.31 -19.31 -21.92
N ASP B 240 2.76 -18.12 -22.29
CA ASP B 240 2.25 -17.46 -23.48
C ASP B 240 2.49 -18.34 -24.71
N ALA B 241 3.71 -18.85 -24.83
CA ALA B 241 4.08 -19.68 -25.96
C ALA B 241 3.36 -21.03 -25.93
N ALA B 242 3.09 -21.54 -24.73
CA ALA B 242 2.27 -22.74 -24.60
C ALA B 242 0.95 -22.59 -25.32
N LEU B 243 0.34 -21.40 -25.20
CA LEU B 243 -0.98 -21.18 -25.77
C LEU B 243 -0.93 -20.65 -27.21
N HIS B 244 0.08 -19.83 -27.51
CA HIS B 244 0.23 -19.29 -28.85
C HIS B 244 0.87 -20.25 -29.84
N SER B 245 1.16 -21.45 -29.37
CA SER B 245 1.49 -22.57 -30.26
C SER B 245 0.38 -22.80 -31.27
N THR B 246 -0.86 -22.50 -30.88
CA THR B 246 -1.99 -22.55 -31.81
C THR B 246 -1.87 -21.52 -32.93
N MET B 247 -1.48 -20.30 -32.59
CA MET B 247 -1.28 -19.26 -33.61
C MET B 247 -0.13 -19.62 -34.55
N VAL B 248 0.99 -20.02 -33.97
CA VAL B 248 2.15 -20.42 -34.76
C VAL B 248 1.79 -21.54 -35.73
N SER B 249 1.06 -22.52 -35.21
CA SER B 249 0.64 -23.68 -36.00
C SER B 249 -0.22 -23.25 -37.18
N ALA B 250 -1.12 -22.30 -36.94
CA ALA B 250 -2.04 -21.84 -37.98
C ALA B 250 -1.34 -20.96 -39.02
N ALA B 251 -0.29 -20.25 -38.61
CA ALA B 251 0.43 -19.36 -39.51
C ALA B 251 1.41 -20.11 -40.41
N LEU B 263 -5.26 -11.09 -28.20
CA LEU B 263 -5.45 -10.72 -26.80
C LEU B 263 -6.75 -11.30 -26.24
N PRO B 264 -6.63 -12.36 -25.41
CA PRO B 264 -7.82 -13.09 -24.97
C PRO B 264 -8.49 -12.45 -23.76
N PHE B 265 -9.58 -13.05 -23.30
CA PHE B 265 -10.56 -12.33 -22.48
C PHE B 265 -10.80 -12.92 -21.08
N ALA B 266 -11.30 -14.15 -21.01
CA ALA B 266 -11.56 -14.77 -19.70
C ALA B 266 -10.78 -16.07 -19.48
N TRP B 267 -10.00 -16.09 -18.40
CA TRP B 267 -9.36 -17.31 -17.91
C TRP B 267 -10.24 -18.00 -16.91
N ASN B 268 -10.28 -19.33 -17.00
CA ASN B 268 -11.05 -20.14 -16.06
C ASN B 268 -10.26 -21.37 -15.63
N GLY B 269 -10.13 -21.55 -14.31
CA GLY B 269 -9.61 -22.80 -13.76
C GLY B 269 -8.14 -23.04 -14.07
N LEU B 270 -7.29 -22.11 -13.64
CA LEU B 270 -5.84 -22.30 -13.79
C LEU B 270 -5.18 -22.74 -12.49
N ARG B 271 -4.48 -23.87 -12.57
CA ARG B 271 -3.73 -24.42 -11.45
C ARG B 271 -2.27 -24.52 -11.89
N LEU B 272 -1.38 -23.95 -11.10
CA LEU B 272 0.05 -24.12 -11.34
C LEU B 272 0.60 -25.22 -10.44
N HIS B 273 0.94 -26.37 -11.04
CA HIS B 273 1.30 -27.56 -10.27
C HIS B 273 2.74 -27.59 -9.87
N ALA B 274 3.59 -26.97 -10.68
CA ALA B 274 5.02 -26.97 -10.41
C ALA B 274 5.60 -25.62 -10.80
N ALA B 275 6.58 -25.15 -10.03
CA ALA B 275 7.13 -23.82 -10.25
C ALA B 275 8.42 -23.89 -11.04
N GLY B 276 8.71 -22.80 -11.75
CA GLY B 276 10.03 -22.58 -12.33
C GLY B 276 10.36 -23.40 -13.56
N ALA B 277 9.35 -23.88 -14.28
CA ALA B 277 9.59 -24.64 -15.51
C ALA B 277 10.22 -23.75 -16.58
N SER B 278 11.00 -24.35 -17.48
CA SER B 278 11.53 -23.62 -18.63
C SER B 278 11.32 -24.35 -19.95
N VAL B 279 10.90 -25.60 -19.86
CA VAL B 279 10.63 -26.42 -21.04
C VAL B 279 9.38 -27.26 -20.81
N LEU B 280 8.45 -27.26 -21.77
CA LEU B 280 7.19 -27.98 -21.62
C LEU B 280 6.91 -28.92 -22.80
N ARG B 281 6.14 -29.98 -22.54
CA ARG B 281 5.30 -30.60 -23.57
C ARG B 281 3.87 -30.22 -23.30
N VAL B 282 3.12 -29.91 -24.35
CA VAL B 282 1.85 -29.24 -24.17
C VAL B 282 0.79 -29.87 -25.07
N ARG B 283 -0.41 -30.05 -24.52
CA ARG B 283 -1.61 -30.30 -25.32
C ARG B 283 -2.61 -29.15 -25.20
N VAL B 284 -2.89 -28.50 -26.33
CA VAL B 284 -3.92 -27.46 -26.39
C VAL B 284 -5.12 -27.96 -27.17
N ALA B 285 -6.29 -27.96 -26.53
CA ALA B 285 -7.53 -28.42 -27.16
C ALA B 285 -8.56 -27.29 -27.13
N LYS B 286 -9.68 -27.48 -27.83
CA LYS B 286 -10.70 -26.43 -27.87
C LYS B 286 -12.02 -26.90 -27.28
N PRO B 287 -12.33 -26.44 -26.05
CA PRO B 287 -13.56 -26.84 -25.38
C PRO B 287 -14.80 -26.30 -26.11
N GLU B 288 -14.65 -25.12 -26.70
CA GLU B 288 -15.70 -24.49 -27.49
C GLU B 288 -14.97 -23.81 -28.64
N ARG B 289 -15.68 -23.50 -29.72
CA ARG B 289 -14.98 -23.04 -30.91
C ARG B 289 -14.21 -21.74 -30.68
N ASP B 290 -14.55 -21.04 -29.60
CA ASP B 290 -13.91 -19.76 -29.31
C ASP B 290 -13.02 -19.81 -28.07
N SER B 291 -12.65 -21.02 -27.65
CA SER B 291 -11.82 -21.17 -26.46
C SER B 291 -10.74 -22.25 -26.58
N LEU B 292 -9.76 -22.16 -25.67
CA LEU B 292 -8.68 -23.13 -25.59
C LEU B 292 -8.63 -23.72 -24.17
N SER B 293 -8.10 -24.94 -24.07
CA SER B 293 -7.75 -25.52 -22.78
C SER B 293 -6.31 -26.03 -22.87
N LEU B 294 -5.64 -26.14 -21.73
CA LEU B 294 -4.22 -26.48 -21.73
C LEU B 294 -3.86 -27.48 -20.64
N GLU B 295 -3.08 -28.49 -21.00
CA GLU B 295 -2.33 -29.27 -20.03
C GLU B 295 -0.87 -29.31 -20.46
N ALA B 296 0.03 -29.09 -19.51
CA ALA B 296 1.45 -29.02 -19.80
C ALA B 296 2.26 -29.79 -18.77
N VAL B 297 3.28 -30.51 -19.22
CA VAL B 297 4.17 -31.26 -18.34
C VAL B 297 5.61 -30.88 -18.65
N ASP B 298 6.51 -31.12 -17.70
CA ASP B 298 7.91 -30.83 -17.94
C ASP B 298 8.61 -32.02 -18.59
N GLU B 299 9.91 -31.90 -18.80
CA GLU B 299 10.67 -32.90 -19.54
C GLU B 299 10.59 -34.28 -18.89
N SER B 300 10.39 -34.32 -17.57
CA SER B 300 10.32 -35.59 -16.84
C SER B 300 8.90 -36.11 -16.70
N GLY B 301 7.94 -35.42 -17.32
CA GLY B 301 6.55 -35.88 -17.33
C GLY B 301 5.72 -35.34 -16.18
N GLY B 302 6.32 -34.53 -15.33
CA GLY B 302 5.61 -33.97 -14.17
C GLY B 302 4.65 -32.86 -14.59
N LEU B 303 3.43 -32.91 -14.09
CA LEU B 303 2.43 -31.90 -14.40
C LEU B 303 2.94 -30.51 -14.01
N VAL B 304 2.81 -29.54 -14.90
CA VAL B 304 3.23 -28.17 -14.60
C VAL B 304 2.05 -27.19 -14.47
N VAL B 305 1.14 -27.22 -15.44
CA VAL B 305 0.03 -26.26 -15.43
C VAL B 305 -1.19 -26.84 -16.16
N THR B 306 -2.36 -26.69 -15.54
CA THR B 306 -3.61 -27.03 -16.21
C THR B 306 -4.51 -25.81 -16.30
N LEU B 307 -5.25 -25.68 -17.40
CA LEU B 307 -6.12 -24.54 -17.62
C LEU B 307 -7.42 -25.02 -18.26
N ASP B 308 -8.53 -24.86 -17.54
CA ASP B 308 -9.81 -25.33 -18.04
C ASP B 308 -10.22 -24.63 -19.34
N SER B 309 -10.20 -23.30 -19.33
CA SER B 309 -10.57 -22.55 -20.53
C SER B 309 -9.98 -21.15 -20.57
N LEU B 310 -9.50 -20.77 -21.75
CA LEU B 310 -9.25 -19.38 -22.07
C LEU B 310 -10.16 -18.98 -23.23
N VAL B 311 -11.09 -18.06 -22.96
CA VAL B 311 -12.11 -17.71 -23.94
C VAL B 311 -11.73 -16.43 -24.68
N GLY B 312 -11.99 -16.42 -25.98
CA GLY B 312 -11.89 -15.19 -26.77
C GLY B 312 -13.25 -14.59 -27.07
N ARG B 313 -13.32 -13.26 -27.02
CA ARG B 313 -14.56 -12.54 -27.30
C ARG B 313 -14.31 -11.03 -27.32
#